data_4KBS
#
_entry.id   4KBS
#
_cell.length_a   46.910
_cell.length_b   78.116
_cell.length_c   107.707
_cell.angle_alpha   90.000
_cell.angle_beta   90.000
_cell.angle_gamma   90.000
#
_symmetry.space_group_name_H-M   'P 21 21 21'
#
loop_
_entity.id
_entity.type
_entity.pdbx_description
1 polymer 'Glycolipid transfer protein domain-containing protein 1'
2 non-polymer 1,2-DILAUROYL-SN-GLYCERO-3-PHOSPHATE
3 non-polymer 1,2-ETHANEDIOL
4 water water
#
_entity_poly.entity_id   1
_entity_poly.type   'polypeptide(L)'
_entity_poly.pdbx_seq_one_letter_code
;SMDDSETGFNLKVVLVSFKQCLDEKEEVLLDPYIASWKGLVRFLNSLGTIFSFISKDVVSKLRIMERLRGGPQSEHYRSL
QAMVAHELSNRLVDLERRSHHPESGCRTVLRLHRALHWLQLFLEGLRTSPEDARTSALCADSYNASLAAYHPWVVRRAVT
VAFCTLPTREVFLEAMNVGPPEQAVQMLGEALPFIQRVYNVSQKLYAEHSLLDLP
;
_entity_poly.pdbx_strand_id   A,B
#
# COMPACT_ATOMS: atom_id res chain seq x y z
N GLY A 8 12.12 -25.38 -6.69
CA GLY A 8 13.43 -25.34 -6.06
C GLY A 8 13.91 -23.92 -5.83
N PHE A 9 12.97 -23.02 -5.52
CA PHE A 9 13.30 -21.63 -5.24
C PHE A 9 14.27 -21.53 -4.08
N ASN A 10 15.30 -20.72 -4.25
CA ASN A 10 16.22 -20.43 -3.16
C ASN A 10 16.71 -18.99 -3.22
N LEU A 11 17.08 -18.47 -2.07
CA LEU A 11 17.45 -17.06 -1.94
C LEU A 11 18.78 -16.76 -2.61
N LYS A 12 19.66 -17.76 -2.67
CA LYS A 12 20.97 -17.52 -3.26
C LYS A 12 20.89 -17.03 -4.70
N VAL A 13 20.04 -17.66 -5.50
CA VAL A 13 19.93 -17.25 -6.89
C VAL A 13 19.40 -15.83 -6.98
N VAL A 14 18.41 -15.52 -6.14
CA VAL A 14 17.85 -14.18 -6.09
C VAL A 14 18.92 -13.13 -5.78
N LEU A 15 19.67 -13.34 -4.70
CA LEU A 15 20.69 -12.38 -4.30
C LEU A 15 21.77 -12.19 -5.38
N VAL A 16 22.26 -13.30 -5.91
CA VAL A 16 23.34 -13.24 -6.89
C VAL A 16 22.86 -12.60 -8.20
N SER A 17 21.57 -12.70 -8.46
CA SER A 17 21.00 -12.07 -9.65
C SER A 17 21.15 -10.56 -9.64
N PHE A 18 21.44 -9.97 -8.48
CA PHE A 18 21.69 -8.53 -8.43
C PHE A 18 22.93 -8.10 -9.23
N LYS A 19 23.78 -9.07 -9.59
CA LYS A 19 24.95 -8.73 -10.39
C LYS A 19 24.50 -8.20 -11.77
N GLN A 20 23.41 -8.75 -12.28
CA GLN A 20 22.88 -8.35 -13.58
C GLN A 20 22.37 -6.91 -13.63
N CYS A 21 22.19 -6.29 -12.46
CA CYS A 21 21.63 -4.94 -12.38
C CYS A 21 22.62 -3.84 -12.75
N LEU A 22 23.91 -4.16 -12.67
CA LEU A 22 24.94 -3.20 -13.01
C LEU A 22 25.63 -3.64 -14.28
N ASP A 23 25.62 -2.77 -15.29
CA ASP A 23 26.33 -3.07 -16.51
C ASP A 23 27.78 -2.59 -16.44
N GLU A 24 28.48 -2.69 -17.56
CA GLU A 24 29.88 -2.34 -17.65
C GLU A 24 30.15 -0.91 -17.16
N LYS A 25 29.22 -0.01 -17.45
CA LYS A 25 29.38 1.40 -17.11
C LYS A 25 28.85 1.71 -15.71
N GLU A 26 28.62 0.67 -14.93
CA GLU A 26 28.13 0.81 -13.56
C GLU A 26 26.77 1.51 -13.49
N GLU A 27 25.97 1.33 -14.53
CA GLU A 27 24.62 1.87 -14.53
C GLU A 27 23.67 0.81 -13.97
N VAL A 28 22.66 1.28 -13.24
CA VAL A 28 21.68 0.38 -12.64
C VAL A 28 20.54 0.13 -13.61
N LEU A 29 20.47 -1.10 -14.13
CA LEU A 29 19.46 -1.46 -15.11
C LEU A 29 18.15 -1.83 -14.42
N LEU A 30 17.06 -1.23 -14.88
CA LEU A 30 15.77 -1.33 -14.20
C LEU A 30 15.11 -2.70 -14.37
N ASP A 31 15.19 -3.27 -15.57
CA ASP A 31 14.56 -4.57 -15.77
C ASP A 31 15.12 -5.64 -14.82
N PRO A 32 16.46 -5.79 -14.78
CA PRO A 32 17.10 -6.74 -13.86
C PRO A 32 16.78 -6.43 -12.41
N TYR A 33 16.72 -5.15 -12.08
CA TYR A 33 16.41 -4.69 -10.72
C TYR A 33 15.00 -5.14 -10.32
N ILE A 34 14.06 -5.00 -11.24
CA ILE A 34 12.70 -5.45 -11.01
C ILE A 34 12.62 -6.97 -10.81
N ALA A 35 13.34 -7.70 -11.64
CA ALA A 35 13.33 -9.16 -11.57
C ALA A 35 13.89 -9.62 -10.23
N SER A 36 15.00 -8.99 -9.81
CA SER A 36 15.61 -9.34 -8.54
C SER A 36 14.65 -9.05 -7.37
N TRP A 37 14.01 -7.89 -7.40
CA TRP A 37 13.01 -7.57 -6.38
C TRP A 37 11.88 -8.59 -6.33
N LYS A 38 11.43 -9.07 -7.48
CA LYS A 38 10.35 -10.07 -7.46
C LYS A 38 10.78 -11.31 -6.67
N GLY A 39 12.05 -11.68 -6.81
CA GLY A 39 12.61 -12.80 -6.08
C GLY A 39 12.67 -12.54 -4.58
N LEU A 40 13.02 -11.31 -4.21
CA LEU A 40 13.00 -10.93 -2.80
C LEU A 40 11.59 -10.96 -2.25
N VAL A 41 10.64 -10.46 -3.03
CA VAL A 41 9.25 -10.46 -2.56
C VAL A 41 8.78 -11.89 -2.32
N ARG A 42 9.14 -12.81 -3.21
CA ARG A 42 8.74 -14.20 -3.06
C ARG A 42 9.32 -14.80 -1.78
N PHE A 43 10.54 -14.40 -1.43
CA PHE A 43 11.15 -14.86 -0.19
C PHE A 43 10.44 -14.25 1.01
N LEU A 44 10.15 -12.95 0.95
CA LEU A 44 9.46 -12.28 2.03
C LEU A 44 8.08 -12.88 2.26
N ASN A 45 7.36 -13.15 1.17
CA ASN A 45 6.04 -13.76 1.25
C ASN A 45 6.05 -15.10 1.94
N SER A 46 7.12 -15.86 1.75
CA SER A 46 7.25 -17.17 2.34
C SER A 46 7.25 -17.10 3.86
N LEU A 47 7.76 -16.01 4.38
CA LEU A 47 7.79 -15.73 5.82
C LEU A 47 6.46 -15.44 6.56
N GLY A 48 5.49 -14.88 5.87
CA GLY A 48 4.21 -14.56 6.47
C GLY A 48 4.14 -13.33 7.36
N THR A 49 2.93 -13.02 7.83
CA THR A 49 2.70 -11.99 8.81
C THR A 49 3.33 -10.73 8.30
N ILE A 50 3.93 -9.97 9.20
CA ILE A 50 4.44 -8.66 8.87
C ILE A 50 5.18 -8.55 7.55
N PHE A 51 6.05 -9.54 7.26
CA PHE A 51 6.83 -9.54 6.02
C PHE A 51 5.99 -9.60 4.76
N SER A 52 5.01 -10.51 4.74
CA SER A 52 4.15 -10.62 3.58
C SER A 52 3.35 -9.33 3.37
N PHE A 53 2.93 -8.72 4.48
CA PHE A 53 2.09 -7.53 4.40
C PHE A 53 2.85 -6.33 3.87
N ILE A 54 4.03 -6.09 4.42
CA ILE A 54 4.82 -4.95 3.98
C ILE A 54 5.23 -5.11 2.51
N SER A 55 5.35 -6.36 2.06
CA SER A 55 5.79 -6.61 0.68
C SER A 55 4.75 -6.14 -0.34
N LYS A 56 3.51 -5.95 0.09
CA LYS A 56 2.46 -5.44 -0.79
C LYS A 56 2.87 -4.09 -1.40
N ASP A 57 3.50 -3.24 -0.60
CA ASP A 57 3.98 -1.96 -1.13
C ASP A 57 4.98 -2.17 -2.26
N VAL A 58 5.91 -3.09 -2.07
CA VAL A 58 6.93 -3.37 -3.08
C VAL A 58 6.27 -3.80 -4.38
N VAL A 59 5.32 -4.73 -4.28
CA VAL A 59 4.60 -5.24 -5.44
C VAL A 59 3.98 -4.09 -6.24
N SER A 60 3.28 -3.20 -5.54
CA SER A 60 2.61 -2.07 -6.19
C SER A 60 3.61 -1.17 -6.89
N LYS A 61 4.72 -0.89 -6.23
CA LYS A 61 5.75 -0.03 -6.79
C LYS A 61 6.48 -0.68 -7.96
N LEU A 62 6.72 -1.99 -7.90
CA LEU A 62 7.27 -2.70 -9.05
C LEU A 62 6.38 -2.53 -10.29
N ARG A 63 5.08 -2.61 -10.09
CA ARG A 63 4.17 -2.48 -11.22
CA ARG A 63 4.14 -2.48 -11.20
C ARG A 63 4.12 -1.06 -11.76
N ILE A 64 4.29 -0.07 -10.88
CA ILE A 64 4.42 1.31 -11.36
C ILE A 64 5.60 1.38 -12.32
N MET A 65 6.73 0.78 -11.93
CA MET A 65 7.92 0.85 -12.77
C MET A 65 7.76 0.04 -14.05
N GLU A 66 7.01 -1.07 -13.98
CA GLU A 66 6.78 -1.86 -15.18
C GLU A 66 5.91 -1.11 -16.19
N ARG A 67 4.97 -0.31 -15.70
CA ARG A 67 4.15 0.50 -16.59
C ARG A 67 4.97 1.59 -17.26
N LEU A 68 5.84 2.24 -16.48
CA LEU A 68 6.74 3.25 -17.00
C LEU A 68 7.65 2.67 -18.07
N ARG A 69 8.17 1.48 -17.81
CA ARG A 69 9.09 0.82 -18.73
C ARG A 69 8.42 0.29 -19.99
N GLY A 70 7.10 0.14 -19.93
CA GLY A 70 6.35 -0.39 -21.06
C GLY A 70 5.59 0.69 -21.80
N GLY A 71 5.85 1.94 -21.45
CA GLY A 71 5.14 3.05 -22.07
C GLY A 71 5.95 3.73 -23.16
N PRO A 72 5.44 4.87 -23.66
CA PRO A 72 6.02 5.65 -24.75
C PRO A 72 7.45 6.13 -24.47
N GLN A 73 7.80 6.40 -23.21
CA GLN A 73 9.17 6.80 -22.90
C GLN A 73 9.99 5.66 -22.30
N SER A 74 9.64 4.43 -22.68
CA SER A 74 10.25 3.23 -22.11
C SER A 74 11.77 3.30 -21.98
N GLU A 75 12.45 3.70 -23.05
CA GLU A 75 13.92 3.68 -23.03
C GLU A 75 14.54 4.65 -22.02
N HIS A 76 13.80 5.68 -21.63
CA HIS A 76 14.29 6.59 -20.60
C HIS A 76 14.30 5.92 -19.23
N TYR A 77 13.65 4.77 -19.13
CA TYR A 77 13.62 4.05 -17.85
C TYR A 77 14.45 2.78 -17.90
N ARG A 78 15.31 2.70 -18.90
CA ARG A 78 16.17 1.53 -19.08
C ARG A 78 17.12 1.38 -17.90
N SER A 79 17.62 2.50 -17.41
CA SER A 79 18.49 2.53 -16.24
C SER A 79 18.05 3.64 -15.28
N LEU A 80 18.46 3.53 -14.02
CA LEU A 80 18.15 4.56 -13.04
C LEU A 80 18.78 5.88 -13.47
N GLN A 81 19.98 5.80 -14.02
CA GLN A 81 20.67 6.98 -14.51
C GLN A 81 19.83 7.69 -15.57
N ALA A 82 19.34 6.93 -16.55
CA ALA A 82 18.54 7.51 -17.62
C ALA A 82 17.23 8.08 -17.11
N MET A 83 16.62 7.37 -16.15
CA MET A 83 15.35 7.81 -15.56
C MET A 83 15.49 9.17 -14.88
N VAL A 84 16.56 9.33 -14.11
CA VAL A 84 16.78 10.55 -13.36
C VAL A 84 16.95 11.72 -14.32
N ALA A 85 17.80 11.55 -15.33
CA ALA A 85 18.03 12.59 -16.33
C ALA A 85 16.74 12.96 -17.08
N HIS A 86 15.92 11.96 -17.37
CA HIS A 86 14.68 12.22 -18.10
C HIS A 86 13.67 12.97 -17.24
N GLU A 87 13.37 12.44 -16.06
CA GLU A 87 12.32 13.02 -15.24
C GLU A 87 12.68 14.43 -14.73
N LEU A 88 13.94 14.61 -14.33
CA LEU A 88 14.38 15.94 -13.87
C LEU A 88 14.35 16.96 -15.00
N SER A 89 15.01 16.66 -16.12
CA SER A 89 15.08 17.61 -17.21
C SER A 89 13.69 17.96 -17.74
N ASN A 90 12.76 17.03 -17.64
CA ASN A 90 11.40 17.28 -18.13
C ASN A 90 10.40 17.63 -17.04
N ARG A 91 10.91 17.83 -15.83
CA ARG A 91 10.07 18.21 -14.69
C ARG A 91 8.93 17.22 -14.46
N LEU A 92 9.28 15.94 -14.40
CA LEU A 92 8.28 14.90 -14.19
C LEU A 92 8.41 14.34 -12.78
N VAL A 93 8.94 15.15 -11.87
CA VAL A 93 9.11 14.73 -10.48
C VAL A 93 8.68 15.80 -9.49
N ASP A 94 7.80 15.44 -8.56
CA ASP A 94 7.34 16.35 -7.52
C ASP A 94 8.46 16.62 -6.54
N LEU A 95 8.91 17.87 -6.46
CA LEU A 95 10.06 18.23 -5.65
C LEU A 95 9.68 18.74 -4.24
N GLU A 96 8.49 19.31 -4.10
CA GLU A 96 8.06 19.84 -2.81
C GLU A 96 7.03 18.94 -2.12
N ARG A 97 6.01 18.52 -2.86
CA ARG A 97 4.97 17.65 -2.33
C ARG A 97 4.35 16.86 -3.48
N ARG A 98 3.81 15.68 -3.19
CA ARG A 98 3.18 14.88 -4.23
C ARG A 98 1.94 15.48 -4.87
N SER A 99 2.07 15.97 -6.10
CA SER A 99 0.95 16.60 -6.78
C SER A 99 0.84 16.34 -8.28
N HIS A 100 1.75 16.90 -9.06
CA HIS A 100 1.69 16.82 -10.52
CA HIS A 100 1.66 16.79 -10.52
C HIS A 100 2.16 15.46 -11.07
N HIS A 101 3.13 14.86 -10.39
CA HIS A 101 3.63 13.53 -10.75
C HIS A 101 3.93 12.72 -9.48
N PRO A 102 2.87 12.33 -8.75
CA PRO A 102 2.97 11.69 -7.43
C PRO A 102 3.53 10.27 -7.47
N GLU A 103 3.55 9.65 -8.66
CA GLU A 103 4.08 8.31 -8.83
C GLU A 103 5.23 8.29 -9.84
N SER A 104 6.07 9.32 -9.79
CA SER A 104 7.22 9.37 -10.68
C SER A 104 8.10 8.15 -10.47
N GLY A 105 8.84 7.77 -11.51
CA GLY A 105 9.87 6.75 -11.37
C GLY A 105 10.88 7.09 -10.29
N CYS A 106 11.25 8.37 -10.21
CA CYS A 106 12.23 8.78 -9.23
C CYS A 106 11.77 8.52 -7.80
N ARG A 107 10.57 8.96 -7.46
CA ARG A 107 10.15 8.81 -6.07
C ARG A 107 9.77 7.36 -5.79
N THR A 108 9.35 6.65 -6.83
CA THR A 108 8.96 5.24 -6.68
C THR A 108 10.17 4.33 -6.44
N VAL A 109 11.21 4.51 -7.24
CA VAL A 109 12.44 3.73 -7.06
C VAL A 109 13.09 4.06 -5.73
N LEU A 110 12.95 5.32 -5.29
CA LEU A 110 13.47 5.71 -3.98
C LEU A 110 12.90 4.84 -2.87
N ARG A 111 11.58 4.59 -2.92
CA ARG A 111 10.93 3.75 -1.91
C ARG A 111 11.39 2.28 -2.02
N LEU A 112 11.61 1.82 -3.24
CA LEU A 112 12.13 0.46 -3.44
C LEU A 112 13.55 0.40 -2.88
N HIS A 113 14.29 1.48 -3.07
CA HIS A 113 15.68 1.56 -2.65
C HIS A 113 15.78 1.56 -1.12
N ARG A 114 14.92 2.34 -0.48
CA ARG A 114 14.84 2.34 0.98
C ARG A 114 14.47 0.95 1.51
N ALA A 115 13.51 0.30 0.87
CA ALA A 115 13.14 -1.06 1.27
C ALA A 115 14.30 -2.02 1.09
N LEU A 116 15.10 -1.80 0.05
CA LEU A 116 16.26 -2.65 -0.20
C LEU A 116 17.27 -2.47 0.93
N HIS A 117 17.34 -1.26 1.46
CA HIS A 117 18.23 -0.99 2.60
C HIS A 117 17.81 -1.84 3.80
N TRP A 118 16.52 -1.82 4.12
CA TRP A 118 16.02 -2.59 5.24
C TRP A 118 16.33 -4.07 5.06
N LEU A 119 16.03 -4.58 3.87
CA LEU A 119 16.25 -6.01 3.62
C LEU A 119 17.73 -6.40 3.69
N GLN A 120 18.60 -5.57 3.16
CA GLN A 120 20.04 -5.85 3.20
C GLN A 120 20.56 -5.90 4.65
N LEU A 121 20.09 -4.96 5.46
CA LEU A 121 20.49 -4.94 6.87
C LEU A 121 19.95 -6.16 7.60
N PHE A 122 18.69 -6.50 7.37
CA PHE A 122 18.13 -7.69 7.98
C PHE A 122 18.98 -8.92 7.65
N LEU A 123 19.25 -9.13 6.38
CA LEU A 123 20.02 -10.29 5.95
C LEU A 123 21.45 -10.28 6.51
N GLU A 124 22.13 -9.13 6.45
CA GLU A 124 23.48 -9.01 7.02
C GLU A 124 23.45 -9.27 8.54
N GLY A 125 22.42 -8.72 9.20
CA GLY A 125 22.17 -9.00 10.61
C GLY A 125 22.04 -10.47 10.91
N LEU A 126 21.29 -11.20 10.08
CA LEU A 126 21.16 -12.66 10.26
C LEU A 126 22.52 -13.33 10.09
N ARG A 127 23.28 -12.87 9.10
CA ARG A 127 24.59 -13.47 8.80
C ARG A 127 25.54 -13.41 9.97
N THR A 128 25.53 -12.28 10.68
CA THR A 128 26.52 -12.03 11.73
C THR A 128 25.98 -12.28 13.14
N SER A 129 24.79 -12.84 13.25
CA SER A 129 24.21 -13.08 14.56
C SER A 129 24.59 -14.45 15.12
N PRO A 130 24.56 -14.61 16.45
CA PRO A 130 24.90 -15.91 17.05
C PRO A 130 23.80 -16.93 16.85
N GLU A 131 24.15 -18.21 16.89
CA GLU A 131 23.16 -19.28 16.71
C GLU A 131 21.99 -19.13 17.69
N ASP A 132 20.79 -19.42 17.20
CA ASP A 132 19.57 -19.37 18.01
C ASP A 132 19.25 -17.97 18.55
N ALA A 133 19.81 -16.94 17.92
CA ALA A 133 19.57 -15.56 18.34
C ALA A 133 18.10 -15.19 18.14
N ARG A 134 17.58 -14.38 19.05
CA ARG A 134 16.26 -13.79 18.85
C ARG A 134 16.42 -12.86 17.67
N THR A 135 15.37 -12.69 16.88
CA THR A 135 15.49 -11.89 15.67
C THR A 135 14.68 -10.59 15.77
N SER A 136 13.92 -10.44 16.85
CA SER A 136 13.08 -9.26 17.01
C SER A 136 13.90 -7.97 17.07
N ALA A 137 14.98 -7.97 17.85
CA ALA A 137 15.84 -6.80 17.94
C ALA A 137 16.45 -6.49 16.57
N LEU A 138 16.95 -7.51 15.90
CA LEU A 138 17.56 -7.33 14.60
C LEU A 138 16.57 -6.71 13.62
N CYS A 139 15.35 -7.23 13.58
CA CYS A 139 14.34 -6.69 12.68
CA CYS A 139 14.33 -6.69 12.68
C CYS A 139 14.03 -5.22 13.00
N ALA A 140 13.79 -4.93 14.27
CA ALA A 140 13.44 -3.57 14.67
C ALA A 140 14.55 -2.57 14.42
N ASP A 141 15.79 -2.95 14.74
CA ASP A 141 16.93 -2.05 14.51
C ASP A 141 17.18 -1.83 13.02
N SER A 142 17.09 -2.90 12.22
CA SER A 142 17.27 -2.76 10.78
CA SER A 142 17.26 -2.78 10.77
C SER A 142 16.22 -1.83 10.20
N TYR A 143 15.01 -1.89 10.75
CA TYR A 143 13.91 -1.01 10.37
C TYR A 143 14.23 0.43 10.75
N ASN A 144 14.65 0.63 12.01
CA ASN A 144 14.98 1.97 12.49
C ASN A 144 16.07 2.64 11.66
N ALA A 145 17.06 1.84 11.24
CA ALA A 145 18.19 2.37 10.48
C ALA A 145 17.89 2.58 9.00
N SER A 146 16.72 2.16 8.54
CA SER A 146 16.45 2.21 7.11
C SER A 146 15.27 3.10 6.71
N LEU A 147 14.07 2.75 7.14
CA LEU A 147 12.95 3.58 6.72
C LEU A 147 11.98 3.96 7.83
N ALA A 148 12.29 3.55 9.06
CA ALA A 148 11.52 4.01 10.20
C ALA A 148 11.47 5.54 10.24
N ALA A 149 12.55 6.18 9.80
CA ALA A 149 12.63 7.64 9.84
C ALA A 149 11.59 8.31 8.96
N TYR A 150 10.96 7.54 8.07
CA TYR A 150 9.98 8.08 7.14
C TYR A 150 8.54 7.76 7.54
N HIS A 151 8.39 7.12 8.70
CA HIS A 151 7.08 6.70 9.19
C HIS A 151 6.64 7.54 10.38
N PRO A 152 5.32 7.76 10.51
CA PRO A 152 4.79 8.46 11.69
C PRO A 152 4.96 7.59 12.91
N TRP A 153 4.94 8.22 14.08
CA TRP A 153 5.22 7.56 15.34
C TRP A 153 4.36 6.32 15.60
N VAL A 154 3.05 6.44 15.38
CA VAL A 154 2.16 5.33 15.68
C VAL A 154 2.46 4.14 14.77
N VAL A 155 2.91 4.41 13.55
CA VAL A 155 3.32 3.34 12.62
C VAL A 155 4.66 2.72 13.05
N ARG A 156 5.61 3.55 13.46
CA ARG A 156 6.89 3.06 13.92
C ARG A 156 6.69 2.11 15.08
N ARG A 157 5.86 2.52 16.01
CA ARG A 157 5.58 1.74 17.21
C ARG A 157 4.94 0.39 16.85
N ALA A 158 4.00 0.41 15.92
CA ALA A 158 3.29 -0.79 15.50
C ALA A 158 4.21 -1.80 14.82
N VAL A 159 5.05 -1.31 13.92
CA VAL A 159 6.01 -2.16 13.24
C VAL A 159 6.94 -2.80 14.28
N THR A 160 7.49 -1.96 15.15
CA THR A 160 8.38 -2.42 16.21
C THR A 160 7.80 -3.58 17.01
N VAL A 161 6.53 -3.45 17.40
CA VAL A 161 5.89 -4.51 18.18
C VAL A 161 5.49 -5.70 17.30
N ALA A 162 5.22 -5.44 16.03
CA ALA A 162 4.96 -6.50 15.06
C ALA A 162 6.06 -7.58 15.09
N PHE A 163 7.28 -7.18 15.42
CA PHE A 163 8.40 -8.12 15.45
C PHE A 163 8.64 -8.71 16.83
N CYS A 164 7.74 -8.44 17.77
CA CYS A 164 7.98 -8.78 19.17
C CYS A 164 8.17 -10.28 19.37
N THR A 165 7.41 -11.08 18.62
CA THR A 165 7.53 -12.53 18.70
C THR A 165 7.79 -13.10 17.30
N LEU A 166 9.06 -13.35 17.02
CA LEU A 166 9.47 -13.84 15.71
C LEU A 166 10.22 -15.16 15.84
N PRO A 167 10.21 -15.96 14.77
CA PRO A 167 10.99 -17.21 14.79
C PRO A 167 12.46 -16.87 15.03
N THR A 168 13.24 -17.88 15.40
CA THR A 168 14.65 -17.65 15.64
C THR A 168 15.42 -17.51 14.35
N ARG A 169 16.67 -17.10 14.49
CA ARG A 169 17.59 -17.00 13.38
C ARG A 169 17.57 -18.24 12.48
N GLU A 170 17.50 -19.42 13.10
CA GLU A 170 17.55 -20.66 12.33
C GLU A 170 16.44 -20.77 11.30
N VAL A 171 15.22 -20.41 11.69
CA VAL A 171 14.10 -20.51 10.77
C VAL A 171 14.32 -19.66 9.52
N PHE A 172 14.75 -18.41 9.71
CA PHE A 172 15.00 -17.52 8.58
C PHE A 172 16.06 -18.06 7.63
N LEU A 173 17.11 -18.65 8.19
CA LEU A 173 18.18 -19.21 7.37
C LEU A 173 17.69 -20.43 6.58
N GLU A 174 16.94 -21.29 7.24
CA GLU A 174 16.46 -22.50 6.57
C GLU A 174 15.46 -22.15 5.47
N ALA A 175 14.78 -21.01 5.61
CA ALA A 175 13.82 -20.55 4.63
C ALA A 175 14.50 -20.13 3.33
N MET A 176 15.81 -19.94 3.38
CA MET A 176 16.56 -19.51 2.21
C MET A 176 16.77 -20.66 1.26
N ASN A 177 16.50 -21.86 1.75
CA ASN A 177 16.58 -23.08 0.95
C ASN A 177 17.93 -23.30 0.28
N VAL A 178 19.02 -23.10 1.03
CA VAL A 178 20.35 -23.35 0.49
C VAL A 178 21.18 -24.26 1.39
N GLY A 179 20.50 -25.02 2.25
CA GLY A 179 21.20 -25.92 3.17
C GLY A 179 20.97 -25.58 4.62
N PRO A 180 21.68 -26.27 5.53
CA PRO A 180 21.56 -25.99 6.96
C PRO A 180 22.04 -24.58 7.28
N PRO A 181 21.71 -24.08 8.48
CA PRO A 181 22.06 -22.71 8.86
C PRO A 181 23.48 -22.30 8.48
N GLU A 182 24.48 -23.12 8.81
CA GLU A 182 25.86 -22.75 8.56
C GLU A 182 26.14 -22.47 7.08
N GLN A 183 25.53 -23.26 6.21
CA GLN A 183 25.69 -23.05 4.76
C GLN A 183 24.96 -21.78 4.33
N ALA A 184 23.78 -21.54 4.90
CA ALA A 184 23.04 -20.30 4.63
C ALA A 184 23.88 -19.09 5.02
N VAL A 185 24.56 -19.18 6.16
CA VAL A 185 25.43 -18.11 6.61
C VAL A 185 26.58 -17.87 5.63
N GLN A 186 27.20 -18.95 5.15
CA GLN A 186 28.27 -18.83 4.17
C GLN A 186 27.75 -18.22 2.89
N MET A 187 26.56 -18.67 2.48
CA MET A 187 25.92 -18.17 1.27
C MET A 187 25.74 -16.65 1.30
N LEU A 188 25.28 -16.14 2.44
CA LEU A 188 25.04 -14.70 2.57
C LEU A 188 26.35 -13.93 2.47
N GLY A 189 27.42 -14.50 3.00
CA GLY A 189 28.71 -13.84 2.96
C GLY A 189 29.13 -13.65 1.51
N GLU A 190 28.78 -14.62 0.70
CA GLU A 190 29.18 -14.66 -0.71
C GLU A 190 28.25 -13.82 -1.59
N ALA A 191 26.97 -13.83 -1.26
CA ALA A 191 25.97 -13.22 -2.13
C ALA A 191 25.62 -11.77 -1.79
N LEU A 192 25.66 -11.43 -0.50
CA LEU A 192 25.25 -10.08 -0.09
C LEU A 192 26.02 -8.94 -0.76
N PRO A 193 27.32 -9.12 -1.00
CA PRO A 193 28.10 -8.07 -1.65
C PRO A 193 27.43 -7.53 -2.92
N PHE A 194 26.72 -8.40 -3.63
CA PHE A 194 26.12 -8.04 -4.90
C PHE A 194 24.98 -7.03 -4.74
N ILE A 195 24.15 -7.25 -3.72
CA ILE A 195 23.08 -6.30 -3.42
CA ILE A 195 23.08 -6.29 -3.40
C ILE A 195 23.69 -5.00 -2.89
N GLN A 196 24.68 -5.13 -2.01
CA GLN A 196 25.34 -3.98 -1.43
C GLN A 196 25.88 -3.05 -2.52
N ARG A 197 26.44 -3.64 -3.57
CA ARG A 197 27.02 -2.85 -4.65
C ARG A 197 25.94 -2.06 -5.39
N VAL A 198 24.83 -2.73 -5.71
CA VAL A 198 23.73 -2.08 -6.40
C VAL A 198 23.15 -0.96 -5.53
N TYR A 199 23.06 -1.22 -4.22
CA TYR A 199 22.55 -0.22 -3.30
C TYR A 199 23.44 1.02 -3.28
N ASN A 200 24.75 0.82 -3.26
CA ASN A 200 25.69 1.93 -3.21
C ASN A 200 25.60 2.83 -4.45
N VAL A 201 25.60 2.23 -5.62
CA VAL A 201 25.49 3.01 -6.83
C VAL A 201 24.18 3.80 -6.82
N SER A 202 23.10 3.13 -6.45
CA SER A 202 21.80 3.77 -6.40
C SER A 202 21.82 4.93 -5.42
N GLN A 203 22.32 4.67 -4.22
CA GLN A 203 22.41 5.70 -3.19
C GLN A 203 23.22 6.89 -3.67
N LYS A 204 24.37 6.62 -4.27
CA LYS A 204 25.23 7.69 -4.76
C LYS A 204 24.52 8.50 -5.82
N LEU A 205 23.77 7.82 -6.68
CA LEU A 205 23.01 8.49 -7.74
C LEU A 205 21.99 9.47 -7.16
N TYR A 206 21.20 9.01 -6.21
CA TYR A 206 20.18 9.85 -5.58
C TYR A 206 20.81 10.99 -4.75
N ALA A 207 21.88 10.68 -4.04
CA ALA A 207 22.57 11.71 -3.26
C ALA A 207 23.10 12.79 -4.20
N GLU A 208 23.67 12.35 -5.31
CA GLU A 208 24.21 13.24 -6.33
C GLU A 208 23.23 14.31 -6.79
N HIS A 209 21.97 13.93 -6.97
CA HIS A 209 20.97 14.86 -7.49
C HIS A 209 20.06 15.43 -6.43
N SER A 210 20.41 15.21 -5.16
CA SER A 210 19.63 15.72 -4.03
C SER A 210 18.21 15.16 -4.00
N LEU A 211 18.07 13.86 -4.27
CA LEU A 211 16.75 13.25 -4.40
C LEU A 211 16.39 12.28 -3.28
N LEU A 212 17.18 12.27 -2.21
CA LEU A 212 16.97 11.34 -1.10
C LEU A 212 15.73 11.60 -0.26
N ASP A 213 15.07 12.73 -0.49
CA ASP A 213 13.88 13.06 0.29
C ASP A 213 12.67 13.41 -0.57
N LEU A 214 12.61 12.82 -1.78
CA LEU A 214 11.44 13.03 -2.63
C LEU A 214 10.20 12.61 -1.87
N PRO A 215 9.15 13.45 -1.93
CA PRO A 215 7.85 13.18 -1.29
C PRO A 215 7.08 12.10 -2.03
N GLY B 8 -14.70 26.36 1.97
CA GLY B 8 -16.04 25.92 1.60
C GLY B 8 -16.18 24.41 1.63
N PHE B 9 -15.09 23.71 1.89
CA PHE B 9 -15.12 22.25 1.94
C PHE B 9 -15.65 21.74 3.27
N ASN B 10 -16.58 20.79 3.20
CA ASN B 10 -17.11 20.18 4.40
C ASN B 10 -17.59 18.77 4.08
N LEU B 11 -17.81 17.98 5.13
CA LEU B 11 -18.22 16.59 4.96
C LEU B 11 -19.61 16.46 4.33
N LYS B 12 -20.52 17.38 4.65
CA LYS B 12 -21.87 17.25 4.11
C LYS B 12 -21.83 17.20 2.59
N VAL B 13 -21.09 18.10 1.96
CA VAL B 13 -21.04 18.14 0.50
C VAL B 13 -20.47 16.84 -0.06
N VAL B 14 -19.42 16.33 0.57
CA VAL B 14 -18.84 15.07 0.15
C VAL B 14 -19.85 13.93 0.26
N LEU B 15 -20.54 13.85 1.40
CA LEU B 15 -21.49 12.76 1.62
C LEU B 15 -22.67 12.79 0.66
N VAL B 16 -23.24 13.96 0.43
CA VAL B 16 -24.37 14.04 -0.47
C VAL B 16 -23.94 13.77 -1.92
N SER B 17 -22.68 14.04 -2.24
CA SER B 17 -22.18 13.79 -3.59
C SER B 17 -22.29 12.31 -3.98
N PHE B 18 -22.40 11.44 -2.99
CA PHE B 18 -22.58 10.02 -3.28
C PHE B 18 -23.90 9.77 -3.99
N LYS B 19 -24.81 10.73 -3.90
CA LYS B 19 -26.07 10.65 -4.64
C LYS B 19 -25.80 10.46 -6.14
N GLN B 20 -24.77 11.14 -6.64
CA GLN B 20 -24.42 11.07 -8.06
C GLN B 20 -23.73 9.77 -8.51
N CYS B 21 -23.43 8.87 -7.57
CA CYS B 21 -22.82 7.60 -7.92
C CYS B 21 -23.83 6.59 -8.47
N LEU B 22 -25.12 6.91 -8.35
CA LEU B 22 -26.17 5.99 -8.78
C LEU B 22 -27.00 6.55 -9.92
N ASP B 23 -27.08 5.82 -11.02
CA ASP B 23 -27.83 6.28 -12.17
C ASP B 23 -29.28 5.79 -12.11
N GLU B 24 -29.98 5.89 -13.23
CA GLU B 24 -31.41 5.53 -13.28
C GLU B 24 -31.60 4.03 -13.03
N LYS B 25 -30.60 3.24 -13.40
CA LYS B 25 -30.67 1.78 -13.28
C LYS B 25 -30.18 1.33 -11.91
N GLU B 26 -29.81 2.28 -11.06
CA GLU B 26 -29.22 1.95 -9.76
C GLU B 26 -27.90 1.22 -9.97
N GLU B 27 -27.19 1.58 -11.03
CA GLU B 27 -25.82 1.10 -11.25
C GLU B 27 -24.85 2.09 -10.62
N VAL B 28 -23.70 1.59 -10.18
CA VAL B 28 -22.73 2.45 -9.50
C VAL B 28 -21.70 2.97 -10.48
N LEU B 29 -21.81 4.25 -10.81
CA LEU B 29 -20.93 4.90 -11.78
C LEU B 29 -19.56 5.16 -11.16
N LEU B 30 -18.51 4.74 -11.86
CA LEU B 30 -17.15 4.80 -11.34
C LEU B 30 -16.57 6.22 -11.22
N ASP B 31 -16.83 7.07 -12.20
CA ASP B 31 -16.27 8.43 -12.16
C ASP B 31 -16.75 9.23 -10.93
N PRO B 32 -18.07 9.25 -10.68
CA PRO B 32 -18.57 9.91 -9.47
C PRO B 32 -18.07 9.24 -8.20
N TYR B 33 -17.91 7.92 -8.26
CA TYR B 33 -17.45 7.16 -7.12
C TYR B 33 -16.05 7.62 -6.73
N ILE B 34 -15.19 7.73 -7.73
CA ILE B 34 -13.83 8.23 -7.52
C ILE B 34 -13.87 9.67 -6.99
N ALA B 35 -14.71 10.50 -7.58
CA ALA B 35 -14.81 11.89 -7.14
C ALA B 35 -15.22 11.98 -5.67
N SER B 36 -16.22 11.19 -5.28
CA SER B 36 -16.69 11.19 -3.90
C SER B 36 -15.63 10.69 -2.93
N TRP B 37 -14.92 9.64 -3.32
CA TRP B 37 -13.86 9.10 -2.49
C TRP B 37 -12.76 10.14 -2.30
N LYS B 38 -12.47 10.92 -3.33
CA LYS B 38 -11.45 11.95 -3.20
C LYS B 38 -11.84 12.91 -2.10
N GLY B 39 -13.13 13.23 -2.03
CA GLY B 39 -13.65 14.04 -0.95
C GLY B 39 -13.46 13.42 0.42
N LEU B 40 -13.69 12.11 0.52
CA LEU B 40 -13.53 11.44 1.82
C LEU B 40 -12.08 11.47 2.23
N VAL B 41 -11.18 11.33 1.25
CA VAL B 41 -9.75 11.36 1.53
C VAL B 41 -9.35 12.72 2.07
N ARG B 42 -9.90 13.79 1.49
CA ARG B 42 -9.61 15.12 2.01
C ARG B 42 -10.07 15.22 3.46
N PHE B 43 -11.24 14.65 3.76
CA PHE B 43 -11.72 14.68 5.14
C PHE B 43 -10.81 13.87 6.06
N LEU B 44 -10.46 12.65 5.63
CA LEU B 44 -9.61 11.78 6.44
C LEU B 44 -8.25 12.44 6.71
N ASN B 45 -7.69 13.07 5.70
CA ASN B 45 -6.39 13.73 5.84
C ASN B 45 -6.39 14.84 6.89
N SER B 46 -7.54 15.48 7.09
CA SER B 46 -7.64 16.57 8.06
C SER B 46 -7.71 16.03 9.47
N LEU B 47 -7.82 14.72 9.61
CA LEU B 47 -7.98 14.10 10.92
C LEU B 47 -6.65 13.80 11.60
N GLY B 48 -5.54 14.12 10.95
CA GLY B 48 -4.25 13.91 11.56
C GLY B 48 -3.34 12.98 10.79
N THR B 49 -2.11 12.85 11.28
CA THR B 49 -1.04 12.17 10.55
C THR B 49 -1.29 10.68 10.32
N ILE B 50 -1.97 10.02 11.25
CA ILE B 50 -2.23 8.60 11.07
C ILE B 50 -3.31 8.31 10.01
N PHE B 51 -4.33 9.15 9.96
CA PHE B 51 -5.37 9.02 8.94
C PHE B 51 -4.79 9.37 7.58
N SER B 52 -3.91 10.36 7.57
CA SER B 52 -3.20 10.73 6.35
C SER B 52 -2.38 9.56 5.86
N PHE B 53 -1.83 8.79 6.80
CA PHE B 53 -0.98 7.68 6.42
C PHE B 53 -1.76 6.54 5.77
N ILE B 54 -2.82 6.08 6.41
CA ILE B 54 -3.57 4.97 5.83
C ILE B 54 -4.29 5.37 4.55
N SER B 55 -4.64 6.65 4.43
CA SER B 55 -5.38 7.10 3.25
C SER B 55 -4.54 7.05 1.98
N LYS B 56 -3.24 6.84 2.14
CA LYS B 56 -2.35 6.74 0.97
C LYS B 56 -2.77 5.58 0.09
N ASP B 57 -3.22 4.50 0.72
CA ASP B 57 -3.61 3.31 -0.02
C ASP B 57 -4.87 3.57 -0.86
N VAL B 58 -5.77 4.36 -0.30
CA VAL B 58 -6.97 4.74 -1.02
C VAL B 58 -6.58 5.54 -2.25
N VAL B 59 -5.75 6.55 -2.05
CA VAL B 59 -5.33 7.39 -3.18
C VAL B 59 -4.69 6.56 -4.29
N SER B 60 -3.79 5.65 -3.93
CA SER B 60 -3.16 4.74 -4.88
C SER B 60 -4.19 3.90 -5.64
N LYS B 61 -5.20 3.41 -4.95
CA LYS B 61 -6.20 2.57 -5.59
C LYS B 61 -7.10 3.40 -6.52
N LEU B 62 -7.41 4.63 -6.11
CA LEU B 62 -8.17 5.51 -7.00
C LEU B 62 -7.40 5.72 -8.32
N ARG B 63 -6.08 5.87 -8.24
CA ARG B 63 -5.27 6.05 -9.44
C ARG B 63 -5.28 4.79 -10.32
N ILE B 64 -5.33 3.62 -9.69
CA ILE B 64 -5.49 2.39 -10.45
C ILE B 64 -6.78 2.45 -11.26
N MET B 65 -7.87 2.77 -10.59
CA MET B 65 -9.17 2.81 -11.26
C MET B 65 -9.19 3.87 -12.34
N GLU B 66 -8.53 5.00 -12.08
CA GLU B 66 -8.45 6.06 -13.09
C GLU B 66 -7.73 5.56 -14.34
N ARG B 67 -6.67 4.81 -14.14
CA ARG B 67 -5.91 4.29 -15.28
C ARG B 67 -6.77 3.34 -16.11
N LEU B 68 -7.56 2.50 -15.45
CA LEU B 68 -8.47 1.60 -16.12
C LEU B 68 -9.55 2.38 -16.88
N ARG B 69 -10.05 3.45 -16.27
CA ARG B 69 -11.07 4.29 -16.90
C ARG B 69 -10.53 5.11 -18.06
N GLY B 70 -9.22 5.34 -18.05
CA GLY B 70 -8.59 6.13 -19.09
C GLY B 70 -7.94 5.31 -20.19
N GLY B 71 -8.19 4.00 -20.18
CA GLY B 71 -7.54 3.09 -21.10
C GLY B 71 -8.42 2.60 -22.23
N PRO B 72 -7.93 1.60 -22.99
CA PRO B 72 -8.59 1.03 -24.16
C PRO B 72 -9.92 0.35 -23.83
N GLN B 73 -10.10 -0.03 -22.58
CA GLN B 73 -11.32 -0.73 -22.16
C GLN B 73 -12.23 0.18 -21.34
N SER B 74 -12.05 1.49 -21.51
CA SER B 74 -12.69 2.50 -20.65
C SER B 74 -14.17 2.26 -20.36
N GLU B 75 -14.96 2.05 -21.41
CA GLU B 75 -16.40 1.95 -21.22
C GLU B 75 -16.79 0.75 -20.36
N HIS B 76 -15.93 -0.25 -20.30
CA HIS B 76 -16.22 -1.40 -19.46
C HIS B 76 -16.06 -1.06 -17.97
N TYR B 77 -15.54 0.14 -17.69
CA TYR B 77 -15.32 0.58 -16.32
C TYR B 77 -16.21 1.77 -15.96
N ARG B 78 -17.21 2.01 -16.79
CA ARG B 78 -18.14 3.11 -16.57
C ARG B 78 -18.94 2.92 -15.29
N SER B 79 -19.25 1.66 -14.99
CA SER B 79 -19.95 1.32 -13.77
C SER B 79 -19.32 0.07 -13.17
N LEU B 80 -19.56 -0.15 -11.89
CA LEU B 80 -19.10 -1.35 -11.21
C LEU B 80 -19.70 -2.59 -11.87
N GLN B 81 -21.00 -2.53 -12.15
CA GLN B 81 -21.70 -3.62 -12.82
C GLN B 81 -21.02 -3.98 -14.15
N ALA B 82 -20.72 -2.96 -14.95
CA ALA B 82 -20.04 -3.18 -16.24
C ALA B 82 -18.64 -3.75 -16.03
N MET B 83 -17.96 -3.26 -15.01
CA MET B 83 -16.62 -3.71 -14.69
C MET B 83 -16.57 -5.19 -14.32
N VAL B 84 -17.55 -5.61 -13.52
CA VAL B 84 -17.62 -7.00 -13.06
C VAL B 84 -17.88 -7.94 -14.23
N ALA B 85 -18.84 -7.59 -15.08
CA ALA B 85 -19.15 -8.39 -16.27
C ALA B 85 -17.92 -8.59 -17.14
N HIS B 86 -17.21 -7.50 -17.41
CA HIS B 86 -16.06 -7.53 -18.30
C HIS B 86 -14.87 -8.32 -17.76
N GLU B 87 -14.46 -8.02 -16.53
CA GLU B 87 -13.27 -8.65 -15.96
C GLU B 87 -13.46 -10.14 -15.66
N LEU B 88 -14.64 -10.49 -15.18
CA LEU B 88 -14.95 -11.88 -14.87
C LEU B 88 -15.00 -12.71 -16.15
N SER B 89 -15.66 -12.16 -17.17
CA SER B 89 -15.83 -12.87 -18.43
C SER B 89 -14.49 -13.06 -19.16
N ASN B 90 -13.53 -12.17 -18.91
CA ASN B 90 -12.22 -12.29 -19.53
C ASN B 90 -11.14 -12.80 -18.56
N ARG B 91 -11.57 -13.38 -17.45
CA ARG B 91 -10.65 -13.93 -16.46
C ARG B 91 -9.54 -12.93 -16.11
N LEU B 92 -9.95 -11.71 -15.76
CA LEU B 92 -9.02 -10.64 -15.44
C LEU B 92 -8.88 -10.46 -13.93
N VAL B 93 -9.43 -11.42 -13.19
CA VAL B 93 -9.42 -11.34 -11.74
CA VAL B 93 -9.45 -11.34 -11.72
C VAL B 93 -8.82 -12.58 -11.10
N ASP B 94 -7.88 -12.37 -10.19
CA ASP B 94 -7.29 -13.46 -9.44
C ASP B 94 -8.26 -13.87 -8.33
N LEU B 95 -8.80 -15.08 -8.43
CA LEU B 95 -9.87 -15.51 -7.55
C LEU B 95 -9.35 -16.27 -6.33
N GLU B 96 -8.22 -16.96 -6.47
CA GLU B 96 -7.69 -17.77 -5.37
C GLU B 96 -6.41 -17.18 -4.79
N ARG B 97 -5.50 -16.74 -5.67
CA ARG B 97 -4.23 -16.21 -5.23
C ARG B 97 -3.76 -15.05 -6.11
N ARG B 98 -3.03 -14.10 -5.53
CA ARG B 98 -2.48 -12.99 -6.29
C ARG B 98 -1.48 -13.47 -7.31
N SER B 99 -1.83 -13.36 -8.58
CA SER B 99 -1.01 -13.90 -9.65
C SER B 99 -0.73 -13.14 -10.93
N HIS B 100 -1.70 -13.13 -11.83
CA HIS B 100 -1.52 -12.58 -13.17
C HIS B 100 -2.27 -11.26 -13.24
N HIS B 101 -3.21 -11.05 -12.32
CA HIS B 101 -4.01 -9.83 -12.33
C HIS B 101 -4.11 -9.26 -10.92
N PRO B 102 -2.97 -8.88 -10.35
CA PRO B 102 -2.90 -8.49 -8.93
C PRO B 102 -3.61 -7.18 -8.66
N GLU B 103 -3.91 -6.40 -9.70
CA GLU B 103 -4.55 -5.09 -9.54
C GLU B 103 -5.81 -4.94 -10.38
N SER B 104 -6.60 -6.00 -10.45
CA SER B 104 -7.85 -5.94 -11.20
C SER B 104 -8.73 -4.85 -10.63
N GLY B 105 -9.61 -4.29 -11.46
CA GLY B 105 -10.61 -3.35 -10.97
C GLY B 105 -11.48 -3.98 -9.89
N CYS B 106 -11.78 -5.26 -10.03
CA CYS B 106 -12.66 -5.93 -9.07
C CYS B 106 -12.03 -6.03 -7.68
N ARG B 107 -10.77 -6.44 -7.62
CA ARG B 107 -10.16 -6.57 -6.30
C ARG B 107 -9.84 -5.18 -5.72
N THR B 108 -9.46 -4.24 -6.57
CA THR B 108 -9.20 -2.88 -6.14
C THR B 108 -10.44 -2.25 -5.53
N VAL B 109 -11.54 -2.26 -6.29
CA VAL B 109 -12.80 -1.71 -5.81
C VAL B 109 -13.32 -2.45 -4.55
N LEU B 110 -13.12 -3.76 -4.49
CA LEU B 110 -13.49 -4.48 -3.27
C LEU B 110 -12.87 -3.82 -2.05
N ARG B 111 -11.57 -3.52 -2.13
CA ARG B 111 -10.87 -2.90 -1.01
C ARG B 111 -11.42 -1.50 -0.72
N LEU B 112 -11.63 -0.71 -1.78
CA LEU B 112 -12.21 0.63 -1.63
C LEU B 112 -13.58 0.54 -0.99
N HIS B 113 -14.31 -0.49 -1.37
CA HIS B 113 -15.69 -0.68 -0.92
C HIS B 113 -15.72 -1.05 0.56
N ARG B 114 -14.82 -1.92 0.98
CA ARG B 114 -14.78 -2.31 2.40
C ARG B 114 -14.28 -1.15 3.26
N ALA B 115 -13.36 -0.35 2.73
CA ALA B 115 -12.87 0.82 3.45
C ALA B 115 -13.98 1.85 3.60
N LEU B 116 -14.77 1.99 2.55
CA LEU B 116 -15.93 2.86 2.59
CA LEU B 116 -15.93 2.87 2.60
C LEU B 116 -16.87 2.41 3.70
N HIS B 117 -17.08 1.10 3.77
CA HIS B 117 -17.97 0.56 4.79
C HIS B 117 -17.43 0.84 6.19
N TRP B 118 -16.12 0.75 6.37
CA TRP B 118 -15.50 1.11 7.64
C TRP B 118 -15.88 2.54 8.03
N LEU B 119 -15.61 3.48 7.14
CA LEU B 119 -15.86 4.89 7.45
C LEU B 119 -17.35 5.14 7.68
N GLN B 120 -18.18 4.55 6.84
CA GLN B 120 -19.64 4.64 7.00
C GLN B 120 -20.14 4.15 8.36
N LEU B 121 -19.70 2.95 8.77
CA LEU B 121 -20.07 2.40 10.07
C LEU B 121 -19.58 3.29 11.21
N PHE B 122 -18.37 3.80 11.07
CA PHE B 122 -17.84 4.72 12.06
C PHE B 122 -18.67 6.00 12.14
N LEU B 123 -18.95 6.62 10.99
CA LEU B 123 -19.78 7.83 10.98
C LEU B 123 -21.16 7.56 11.58
N GLU B 124 -21.77 6.43 11.23
CA GLU B 124 -23.09 6.09 11.77
C GLU B 124 -23.02 5.96 13.30
N GLY B 125 -21.94 5.35 13.78
CA GLY B 125 -21.71 5.24 15.21
C GLY B 125 -21.66 6.59 15.88
N LEU B 126 -20.98 7.55 15.26
CA LEU B 126 -20.91 8.89 15.80
C LEU B 126 -22.32 9.48 15.85
N ARG B 127 -23.08 9.25 14.78
CA ARG B 127 -24.44 9.76 14.72
C ARG B 127 -25.30 9.21 15.85
N THR B 128 -25.39 7.89 15.93
CA THR B 128 -26.37 7.24 16.82
C THR B 128 -25.91 7.01 18.25
N SER B 129 -24.62 7.15 18.51
CA SER B 129 -24.08 6.77 19.82
C SER B 129 -24.55 7.71 20.91
N PRO B 130 -24.62 7.20 22.16
CA PRO B 130 -24.86 8.06 23.32
C PRO B 130 -23.66 8.98 23.51
N GLU B 131 -23.83 10.04 24.29
CA GLU B 131 -22.78 11.04 24.43
C GLU B 131 -21.50 10.49 25.08
N ASP B 132 -21.65 9.43 25.88
CA ASP B 132 -20.53 8.87 26.63
C ASP B 132 -19.77 7.77 25.86
N ALA B 133 -20.22 7.52 24.63
CA ALA B 133 -19.64 6.45 23.81
C ALA B 133 -18.12 6.58 23.67
N ARG B 134 -17.43 5.44 23.62
CA ARG B 134 -15.99 5.42 23.44
C ARG B 134 -15.66 5.27 21.95
N THR B 135 -15.04 6.28 21.37
CA THR B 135 -14.72 6.25 19.95
C THR B 135 -13.78 5.11 19.61
N SER B 136 -12.94 4.71 20.57
CA SER B 136 -12.01 3.62 20.33
C SER B 136 -12.76 2.32 20.03
N ALA B 137 -13.81 2.07 20.79
CA ALA B 137 -14.63 0.86 20.57
C ALA B 137 -15.41 0.97 19.27
N LEU B 138 -15.90 2.16 18.96
CA LEU B 138 -16.66 2.35 17.74
C LEU B 138 -15.74 2.11 16.53
N CYS B 139 -14.53 2.64 16.63
CA CYS B 139 -13.53 2.44 15.59
C CYS B 139 -13.24 0.96 15.37
N ALA B 140 -13.02 0.23 16.47
CA ALA B 140 -12.62 -1.17 16.37
C ALA B 140 -13.76 -2.05 15.87
N ASP B 141 -14.95 -1.80 16.39
CA ASP B 141 -16.13 -2.56 15.99
C ASP B 141 -16.42 -2.35 14.51
N SER B 142 -16.34 -1.11 14.07
CA SER B 142 -16.60 -0.79 12.67
C SER B 142 -15.55 -1.41 11.77
N TYR B 143 -14.28 -1.36 12.20
CA TYR B 143 -13.20 -2.03 11.48
C TYR B 143 -13.45 -3.54 11.36
N ASN B 144 -13.84 -4.17 12.46
CA ASN B 144 -14.09 -5.61 12.48
C ASN B 144 -15.23 -6.02 11.56
N ALA B 145 -16.19 -5.12 11.42
CA ALA B 145 -17.38 -5.38 10.62
C ALA B 145 -17.13 -5.06 9.14
N SER B 146 -15.94 -4.56 8.81
CA SER B 146 -15.73 -4.08 7.45
C SER B 146 -14.46 -4.56 6.76
N LEU B 147 -13.31 -4.10 7.25
CA LEU B 147 -12.06 -4.31 6.54
C LEU B 147 -11.13 -5.30 7.22
N ALA B 148 -11.37 -5.59 8.49
CA ALA B 148 -10.45 -6.42 9.27
C ALA B 148 -10.10 -7.74 8.59
N ALA B 149 -11.10 -8.36 7.97
CA ALA B 149 -10.94 -9.69 7.38
C ALA B 149 -9.88 -9.72 6.28
N TYR B 150 -9.57 -8.56 5.72
CA TYR B 150 -8.62 -8.50 4.62
C TYR B 150 -7.20 -8.28 5.10
N HIS B 151 -7.03 -8.12 6.42
CA HIS B 151 -5.72 -7.87 7.00
C HIS B 151 -5.23 -9.01 7.90
N PRO B 152 -3.91 -9.21 7.96
CA PRO B 152 -3.35 -10.26 8.82
C PRO B 152 -3.52 -9.87 10.28
N TRP B 153 -3.48 -10.87 11.16
CA TRP B 153 -3.67 -10.64 12.59
C TRP B 153 -2.75 -9.59 13.17
N VAL B 154 -1.51 -9.53 12.68
CA VAL B 154 -0.56 -8.55 13.21
C VAL B 154 -1.05 -7.12 12.95
N VAL B 155 -1.59 -6.89 11.76
CA VAL B 155 -2.15 -5.61 11.40
C VAL B 155 -3.44 -5.32 12.16
N ARG B 156 -4.34 -6.30 12.19
CA ARG B 156 -5.57 -6.15 12.93
C ARG B 156 -5.34 -5.63 14.34
N ARG B 157 -4.41 -6.26 15.06
CA ARG B 157 -4.14 -5.83 16.43
C ARG B 157 -3.58 -4.41 16.44
N ALA B 158 -2.69 -4.12 15.50
CA ALA B 158 -2.14 -2.77 15.40
C ALA B 158 -3.26 -1.75 15.23
N VAL B 159 -4.23 -2.07 14.37
CA VAL B 159 -5.35 -1.18 14.11
C VAL B 159 -6.25 -1.01 15.33
N THR B 160 -6.71 -2.12 15.90
CA THR B 160 -7.74 -2.04 16.94
C THR B 160 -7.17 -1.59 18.27
N VAL B 161 -5.90 -1.85 18.49
CA VAL B 161 -5.24 -1.47 19.74
C VAL B 161 -4.64 -0.08 19.63
N ALA B 162 -3.94 0.18 18.54
CA ALA B 162 -3.18 1.42 18.40
C ALA B 162 -3.93 2.49 17.61
N PHE B 163 -4.25 2.20 16.36
CA PHE B 163 -4.94 3.19 15.53
C PHE B 163 -6.23 3.69 16.19
N CYS B 164 -7.04 2.76 16.66
CA CYS B 164 -8.38 3.10 17.14
C CYS B 164 -8.40 3.88 18.45
N THR B 165 -7.24 4.16 19.02
CA THR B 165 -7.15 5.12 20.11
C THR B 165 -7.33 6.52 19.54
N LEU B 166 -8.50 7.13 19.77
CA LEU B 166 -8.88 8.34 19.04
C LEU B 166 -9.36 9.48 19.93
N PRO B 167 -9.32 10.72 19.39
CA PRO B 167 -9.90 11.89 20.05
C PRO B 167 -11.40 11.74 20.23
N THR B 168 -12.00 12.61 21.05
CA THR B 168 -13.40 12.46 21.43
C THR B 168 -14.34 12.56 20.25
N ARG B 169 -15.60 12.18 20.48
CA ARG B 169 -16.64 12.25 19.47
C ARG B 169 -16.73 13.65 18.87
N GLU B 170 -16.54 14.66 19.72
CA GLU B 170 -16.71 16.06 19.33
C GLU B 170 -15.64 16.55 18.36
N VAL B 171 -14.43 16.02 18.47
CA VAL B 171 -13.35 16.40 17.57
C VAL B 171 -13.67 16.00 16.13
N PHE B 172 -14.14 14.76 15.95
CA PHE B 172 -14.49 14.26 14.63
C PHE B 172 -15.63 15.06 13.99
N LEU B 173 -16.62 15.38 14.82
CA LEU B 173 -17.77 16.14 14.35
C LEU B 173 -17.35 17.55 13.96
N GLU B 174 -16.44 18.13 14.73
CA GLU B 174 -15.93 19.46 14.44
C GLU B 174 -15.22 19.47 13.09
N ALA B 175 -14.50 18.39 12.79
CA ALA B 175 -13.77 18.28 11.53
C ALA B 175 -14.70 18.31 10.33
N MET B 176 -15.97 18.01 10.55
CA MET B 176 -16.93 17.95 9.46
C MET B 176 -17.24 19.35 8.94
N ASN B 177 -16.87 20.35 9.75
CA ASN B 177 -17.04 21.75 9.36
C ASN B 177 -18.49 22.05 8.99
N VAL B 178 -19.41 21.61 9.84
CA VAL B 178 -20.84 21.89 9.64
C VAL B 178 -21.46 22.45 10.91
N GLY B 179 -20.62 22.95 11.81
CA GLY B 179 -21.09 23.54 13.04
C GLY B 179 -20.99 22.61 14.24
N PRO B 180 -21.62 23.00 15.36
CA PRO B 180 -21.64 22.27 16.63
C PRO B 180 -22.08 20.83 16.45
N PRO B 181 -21.63 19.94 17.35
CA PRO B 181 -21.90 18.50 17.29
C PRO B 181 -23.36 18.17 17.06
N GLU B 182 -24.25 18.90 17.72
CA GLU B 182 -25.68 18.68 17.53
C GLU B 182 -26.06 18.87 16.07
N GLN B 183 -25.42 19.85 15.42
CA GLN B 183 -25.66 20.13 14.02
C GLN B 183 -25.03 19.04 13.14
N ALA B 184 -23.85 18.58 13.55
CA ALA B 184 -23.15 17.53 12.83
C ALA B 184 -23.96 16.24 12.85
N VAL B 185 -24.57 15.93 13.99
CA VAL B 185 -25.39 14.74 14.13
C VAL B 185 -26.61 14.78 13.23
N GLN B 186 -27.24 15.95 13.13
CA GLN B 186 -28.38 16.08 12.24
C GLN B 186 -27.93 15.97 10.80
N MET B 187 -26.77 16.56 10.51
CA MET B 187 -26.23 16.49 9.16
C MET B 187 -26.00 15.04 8.76
N LEU B 188 -25.45 14.26 9.68
CA LEU B 188 -25.18 12.86 9.39
C LEU B 188 -26.48 12.13 9.15
N GLY B 189 -27.52 12.52 9.89
CA GLY B 189 -28.83 11.90 9.74
C GLY B 189 -29.37 12.12 8.35
N GLU B 190 -29.04 13.26 7.76
CA GLU B 190 -29.52 13.58 6.41
C GLU B 190 -28.64 13.02 5.30
N ALA B 191 -27.33 13.01 5.51
CA ALA B 191 -26.40 12.75 4.41
C ALA B 191 -25.84 11.33 4.32
N LEU B 192 -25.76 10.62 5.44
CA LEU B 192 -25.25 9.25 5.46
C LEU B 192 -26.03 8.27 4.58
N PRO B 193 -27.36 8.41 4.51
CA PRO B 193 -28.13 7.47 3.68
C PRO B 193 -27.55 7.35 2.27
N PHE B 194 -26.97 8.41 1.74
CA PHE B 194 -26.45 8.37 0.38
C PHE B 194 -25.25 7.43 0.26
N ILE B 195 -24.35 7.49 1.23
CA ILE B 195 -23.21 6.57 1.23
C ILE B 195 -23.69 5.15 1.52
N GLN B 196 -24.68 5.02 2.40
CA GLN B 196 -25.21 3.71 2.76
C GLN B 196 -25.82 3.03 1.54
N ARG B 197 -26.48 3.83 0.70
CA ARG B 197 -27.12 3.29 -0.50
C ARG B 197 -26.08 2.75 -1.48
N VAL B 198 -25.00 3.51 -1.67
CA VAL B 198 -23.89 3.06 -2.51
C VAL B 198 -23.26 1.80 -1.92
N TYR B 199 -23.10 1.75 -0.60
CA TYR B 199 -22.55 0.55 0.01
C TYR B 199 -23.45 -0.65 -0.23
N ASN B 200 -24.73 -0.49 0.03
CA ASN B 200 -25.69 -1.57 -0.19
C ASN B 200 -25.69 -2.13 -1.62
N VAL B 201 -25.73 -1.24 -2.61
CA VAL B 201 -25.77 -1.67 -3.99
C VAL B 201 -24.47 -2.38 -4.37
N SER B 202 -23.36 -1.78 -3.97
CA SER B 202 -22.05 -2.35 -4.27
C SER B 202 -21.90 -3.72 -3.62
N GLN B 203 -22.36 -3.83 -2.37
CA GLN B 203 -22.22 -5.07 -1.59
C GLN B 203 -23.04 -6.19 -2.23
N LYS B 204 -24.25 -5.84 -2.68
CA LYS B 204 -25.14 -6.82 -3.30
C LYS B 204 -24.50 -7.38 -4.56
N LEU B 205 -23.89 -6.50 -5.34
CA LEU B 205 -23.15 -6.90 -6.55
C LEU B 205 -22.04 -7.89 -6.22
N TYR B 206 -21.16 -7.51 -5.30
CA TYR B 206 -20.05 -8.37 -4.94
C TYR B 206 -20.47 -9.69 -4.33
N ALA B 207 -21.45 -9.64 -3.42
CA ALA B 207 -21.96 -10.84 -2.77
C ALA B 207 -22.56 -11.77 -3.83
N GLU B 208 -23.31 -11.17 -4.75
CA GLU B 208 -23.97 -11.93 -5.81
C GLU B 208 -22.99 -12.70 -6.70
N HIS B 209 -21.85 -12.09 -6.98
CA HIS B 209 -20.84 -12.73 -7.83
C HIS B 209 -19.75 -13.43 -7.04
N SER B 210 -19.99 -13.63 -5.75
CA SER B 210 -19.03 -14.29 -4.86
C SER B 210 -17.64 -13.66 -4.96
N LEU B 211 -17.57 -12.33 -4.88
CA LEU B 211 -16.30 -11.62 -5.03
C LEU B 211 -15.84 -10.95 -3.74
N LEU B 212 -16.40 -11.36 -2.61
CA LEU B 212 -16.10 -10.67 -1.34
C LEU B 212 -14.78 -11.14 -0.73
N ASP B 213 -14.13 -12.12 -1.36
CA ASP B 213 -12.93 -12.73 -0.79
C ASP B 213 -11.73 -12.69 -1.74
N LEU B 214 -11.77 -11.81 -2.73
CA LEU B 214 -10.67 -11.70 -3.69
C LEU B 214 -9.36 -11.37 -2.98
N PRO B 215 -8.28 -12.10 -3.34
CA PRO B 215 -6.97 -11.95 -2.72
C PRO B 215 -6.25 -10.69 -3.19
#